data_7YNX
#
_entry.id   7YNX
#
_cell.length_a   69.470
_cell.length_b   80.270
_cell.length_c   84.870
_cell.angle_alpha   90.000
_cell.angle_beta   90.000
_cell.angle_gamma   90.000
#
_symmetry.space_group_name_H-M   'P 21 21 21'
#
loop_
_entity.id
_entity.type
_entity.pdbx_description
1 polymer 'RING finger and CHY zinc finger domain-containing protein 1'
2 non-polymer 'ZINC ION'
3 non-polymer 'SULFATE ION'
4 non-polymer 'SODIUM ION'
5 water water
#
_entity_poly.entity_id   1
_entity_poly.type   'polypeptide(L)'
_entity_poly.pdbx_seq_one_letter_code
;GMAATAREDGASGQERGQRGCEHYDRGCLLKAPCCDKLYTCRLCHDNNEDHQLDRFKVKEVQCINCEKIQHAQQTCEECS
TLFGEYYCDICHLFDKDKKQYHCENCGICRIGPKEDFFHCLKCNLCLAMNLQGRHKCIENVSRQNCPICLEDIHTSRVVA
HVLPCGHLLHRTCYEEMLKEGYRCPLCMHSALGSGSGAAAAAA
;
_entity_poly.pdbx_strand_id   A,B
#
loop_
_chem_comp.id
_chem_comp.type
_chem_comp.name
_chem_comp.formula
NA non-polymer 'SODIUM ION' 'Na 1'
SO4 non-polymer 'SULFATE ION' 'O4 S -2'
ZN non-polymer 'ZINC ION' 'Zn 2'
#
# COMPACT_ATOMS: atom_id res chain seq x y z
N ARG A 16 -23.87 -11.07 -3.65
CA ARG A 16 -22.69 -10.50 -3.02
C ARG A 16 -21.85 -9.77 -4.07
N GLY A 17 -21.24 -8.67 -3.67
CA GLY A 17 -20.34 -7.95 -4.53
C GLY A 17 -20.98 -6.90 -5.42
N GLN A 18 -22.26 -6.59 -5.22
CA GLN A 18 -22.88 -5.53 -6.00
C GLN A 18 -22.91 -4.19 -5.27
N ARG A 19 -23.10 -4.19 -3.95
CA ARG A 19 -23.28 -2.96 -3.19
C ARG A 19 -22.28 -2.89 -2.06
N GLY A 20 -21.74 -1.70 -1.84
CA GLY A 20 -20.86 -1.45 -0.71
C GLY A 20 -19.62 -0.69 -1.11
N CYS A 21 -18.50 -0.98 -0.44
CA CYS A 21 -17.24 -0.31 -0.70
C CYS A 21 -16.11 -1.32 -0.82
N GLU A 22 -14.87 -0.83 -0.79
CA GLU A 22 -13.71 -1.71 -0.80
C GLU A 22 -13.59 -2.52 0.48
N HIS A 23 -14.18 -2.05 1.58
CA HIS A 23 -14.07 -2.75 2.85
C HIS A 23 -15.24 -3.66 3.14
N TYR A 24 -16.43 -3.35 2.61
CA TYR A 24 -17.64 -4.01 3.06
C TYR A 24 -18.57 -4.26 1.89
N ASP A 25 -19.31 -5.36 2.01
CA ASP A 25 -20.44 -5.69 1.16
C ASP A 25 -21.68 -5.33 1.97
N ARG A 26 -22.26 -4.16 1.71
CA ARG A 26 -23.37 -3.68 2.54
C ARG A 26 -24.36 -2.87 1.72
N GLY A 27 -25.61 -2.91 2.14
CA GLY A 27 -26.65 -2.28 1.37
C GLY A 27 -26.94 -0.84 1.70
N CYS A 28 -26.23 -0.25 2.67
CA CYS A 28 -26.55 1.09 3.13
C CYS A 28 -25.27 1.89 3.36
N LEU A 29 -25.47 3.19 3.56
CA LEU A 29 -24.41 4.12 3.91
C LEU A 29 -24.67 4.64 5.32
N LEU A 30 -23.60 4.83 6.08
CA LEU A 30 -23.71 5.41 7.41
C LEU A 30 -23.79 6.92 7.32
N LYS A 31 -24.64 7.52 8.15
CA LYS A 31 -24.62 8.98 8.30
C LYS A 31 -23.70 9.30 9.47
N ALA A 32 -22.54 9.85 9.17
CA ALA A 32 -21.56 10.20 10.18
C ALA A 32 -22.10 11.30 11.08
N PRO A 33 -22.42 11.03 12.35
CA PRO A 33 -22.94 12.07 13.23
C PRO A 33 -21.94 13.19 13.48
N CYS A 34 -20.68 13.04 13.06
CA CYS A 34 -19.69 14.11 13.29
C CYS A 34 -19.81 15.22 12.25
N CYS A 35 -19.60 14.90 10.98
CA CYS A 35 -19.67 15.87 9.90
C CYS A 35 -20.99 15.81 9.14
N ASP A 36 -21.96 15.03 9.62
CA ASP A 36 -23.21 14.71 8.93
C ASP A 36 -23.01 14.55 7.44
N LYS A 37 -22.10 13.62 7.12
CA LYS A 37 -21.86 13.18 5.75
C LYS A 37 -22.22 11.70 5.65
N LEU A 38 -22.47 11.27 4.42
CA LEU A 38 -22.82 9.89 4.13
C LEU A 38 -21.60 9.19 3.57
N TYR A 39 -21.09 8.21 4.32
CA TYR A 39 -19.97 7.38 3.89
C TYR A 39 -20.39 5.93 3.93
N THR A 40 -19.84 5.13 3.02
CA THR A 40 -20.24 3.72 3.00
C THR A 40 -19.92 3.05 4.32
N CYS A 41 -18.76 3.34 4.91
CA CYS A 41 -18.38 2.71 6.17
C CYS A 41 -17.39 3.60 6.92
N ARG A 42 -17.11 3.21 8.16
CA ARG A 42 -16.27 4.04 9.02
C ARG A 42 -14.87 4.23 8.45
N LEU A 43 -14.32 3.21 7.80
CA LEU A 43 -13.01 3.34 7.15
C LEU A 43 -13.06 4.32 5.98
N CYS A 44 -14.10 4.21 5.14
CA CYS A 44 -14.28 5.19 4.07
C CYS A 44 -14.35 6.60 4.62
N HIS A 45 -14.96 6.73 5.80
CA HIS A 45 -15.08 8.05 6.41
C HIS A 45 -13.73 8.50 6.96
N ASP A 46 -13.03 7.59 7.65
CA ASP A 46 -11.80 7.95 8.33
C ASP A 46 -10.68 8.23 7.35
N ASN A 47 -10.71 7.58 6.19
CA ASN A 47 -9.76 7.90 5.13
C ASN A 47 -10.02 9.25 4.47
N ASN A 48 -11.14 9.93 4.78
CA ASN A 48 -11.48 11.17 4.08
C ASN A 48 -11.88 12.29 5.02
N GLU A 49 -11.54 12.20 6.29
CA GLU A 49 -11.93 13.22 7.24
C GLU A 49 -10.80 13.48 8.21
N ASP A 50 -10.63 14.77 8.57
CA ASP A 50 -9.64 15.17 9.56
C ASP A 50 -9.72 14.33 10.82
N HIS A 51 -10.93 13.97 11.21
CA HIS A 51 -11.24 13.31 12.47
C HIS A 51 -11.62 11.86 12.21
N GLN A 52 -11.92 11.16 13.30
CA GLN A 52 -12.25 9.75 13.29
C GLN A 52 -13.73 9.59 13.59
N LEU A 53 -14.38 8.62 12.93
CA LEU A 53 -15.82 8.39 13.10
C LEU A 53 -16.05 7.50 14.33
N ASP A 54 -17.06 7.85 15.13
CA ASP A 54 -17.44 7.04 16.31
C ASP A 54 -18.57 6.12 15.91
N ARG A 55 -18.22 4.86 15.60
CA ARG A 55 -19.17 3.93 15.01
C ARG A 55 -20.35 3.66 15.93
N PHE A 56 -20.14 3.69 17.26
CA PHE A 56 -21.23 3.49 18.18
C PHE A 56 -22.17 4.70 18.23
N LYS A 57 -21.72 5.87 17.75
CA LYS A 57 -22.62 7.01 17.76
C LYS A 57 -23.54 7.06 16.54
N VAL A 58 -23.33 6.22 15.53
CA VAL A 58 -24.10 6.31 14.30
C VAL A 58 -25.57 6.00 14.60
N LYS A 59 -26.45 6.88 14.18
CA LYS A 59 -27.87 6.69 14.41
C LYS A 59 -28.64 6.35 13.14
N GLU A 60 -28.16 6.80 11.99
CA GLU A 60 -28.94 6.75 10.77
C GLU A 60 -28.13 6.12 9.65
N VAL A 61 -28.87 5.57 8.68
CA VAL A 61 -28.31 4.97 7.49
C VAL A 61 -29.21 5.35 6.31
N GLN A 62 -28.65 5.19 5.11
CA GLN A 62 -29.38 5.45 3.88
C GLN A 62 -29.32 4.22 2.97
N CYS A 63 -30.49 3.73 2.57
CA CYS A 63 -30.53 2.63 1.62
C CYS A 63 -29.88 3.06 0.31
N ILE A 64 -28.87 2.31 -0.12
CA ILE A 64 -28.25 2.58 -1.41
C ILE A 64 -29.26 2.45 -2.55
N ASN A 65 -30.16 1.45 -2.44
CA ASN A 65 -31.05 1.13 -3.55
C ASN A 65 -32.18 2.15 -3.71
N CYS A 66 -32.76 2.64 -2.62
CA CYS A 66 -33.86 3.58 -2.73
C CYS A 66 -33.63 4.88 -1.98
N GLU A 67 -32.44 5.08 -1.41
CA GLU A 67 -32.02 6.35 -0.83
C GLU A 67 -32.87 6.76 0.35
N LYS A 68 -33.64 5.84 0.93
CA LYS A 68 -34.40 6.13 2.13
C LYS A 68 -33.44 6.25 3.32
N ILE A 69 -33.39 7.43 3.92
CA ILE A 69 -32.61 7.64 5.12
C ILE A 69 -33.50 7.29 6.31
N GLN A 70 -32.95 6.54 7.25
CA GLN A 70 -33.77 5.82 8.23
C GLN A 70 -32.91 5.48 9.43
N HIS A 71 -33.56 5.02 10.50
CA HIS A 71 -32.84 4.47 11.62
C HIS A 71 -32.15 3.17 11.22
N ALA A 72 -31.05 2.87 11.91
CA ALA A 72 -30.23 1.70 11.61
C ALA A 72 -30.98 0.40 11.86
N GLN A 73 -30.99 -0.47 10.85
CA GLN A 73 -31.66 -1.76 10.91
C GLN A 73 -31.10 -2.62 9.78
N GLN A 74 -31.41 -3.93 9.84
CA GLN A 74 -30.84 -4.89 8.89
C GLN A 74 -31.45 -4.80 7.48
N THR A 75 -32.73 -4.44 7.36
CA THR A 75 -33.34 -4.25 6.06
C THR A 75 -33.98 -2.87 5.99
N CYS A 76 -34.17 -2.39 4.76
CA CYS A 76 -34.72 -1.06 4.54
C CYS A 76 -36.21 -1.00 4.87
N GLU A 77 -36.58 0.02 5.64
CA GLU A 77 -37.96 0.12 6.07
C GLU A 77 -38.90 0.40 4.91
N GLU A 78 -38.45 1.14 3.90
CA GLU A 78 -39.29 1.36 2.72
C GLU A 78 -39.25 0.19 1.75
N CYS A 79 -38.07 -0.13 1.21
CA CYS A 79 -38.01 -1.05 0.07
C CYS A 79 -37.49 -2.44 0.41
N SER A 80 -37.07 -2.69 1.65
CA SER A 80 -36.75 -4.01 2.19
C SER A 80 -35.45 -4.59 1.64
N THR A 81 -34.67 -3.81 0.91
CA THR A 81 -33.34 -4.26 0.51
C THR A 81 -32.57 -4.79 1.72
N LEU A 82 -31.83 -5.87 1.53
CA LEU A 82 -31.00 -6.40 2.61
C LEU A 82 -29.74 -5.54 2.75
N PHE A 83 -29.56 -4.95 3.94
CA PHE A 83 -28.42 -4.06 4.19
C PHE A 83 -27.13 -4.83 4.49
N GLY A 84 -27.22 -5.89 5.29
CA GLY A 84 -26.11 -6.78 5.54
C GLY A 84 -26.55 -8.18 5.92
N GLU A 85 -25.80 -9.22 5.48
CA GLU A 85 -26.06 -10.57 5.95
C GLU A 85 -25.79 -10.68 7.43
N TYR A 86 -24.74 -10.01 7.90
CA TYR A 86 -24.47 -9.82 9.32
C TYR A 86 -24.72 -8.36 9.68
N TYR A 87 -25.47 -8.14 10.74
CA TYR A 87 -25.72 -6.79 11.21
C TYR A 87 -25.60 -6.77 12.73
N CYS A 88 -24.79 -5.85 13.24
CA CYS A 88 -24.62 -5.64 14.67
C CYS A 88 -25.06 -4.22 15.00
N ASP A 89 -26.10 -4.09 15.84
CA ASP A 89 -26.67 -2.79 16.17
C ASP A 89 -25.88 -2.01 17.20
N ILE A 90 -24.76 -2.54 17.70
CA ILE A 90 -23.88 -1.80 18.60
C ILE A 90 -22.78 -1.06 17.83
N CYS A 91 -22.01 -1.81 17.03
CA CYS A 91 -21.02 -1.19 16.17
C CYS A 91 -21.63 -0.55 14.93
N HIS A 92 -22.88 -0.87 14.60
CA HIS A 92 -23.51 -0.45 13.35
C HIS A 92 -22.71 -0.93 12.14
N LEU A 93 -22.28 -2.19 12.19
CA LEU A 93 -21.52 -2.82 11.11
C LEU A 93 -22.46 -3.65 10.24
N PHE A 94 -22.28 -3.54 8.92
CA PHE A 94 -23.04 -4.31 7.95
C PHE A 94 -22.06 -5.02 7.02
N ASP A 95 -22.28 -6.30 6.78
CA ASP A 95 -21.33 -7.06 5.97
C ASP A 95 -21.96 -8.37 5.54
N LYS A 96 -21.41 -8.94 4.47
CA LYS A 96 -21.67 -10.33 4.19
C LYS A 96 -21.19 -11.19 5.36
N ASP A 97 -21.66 -12.42 5.38
CA ASP A 97 -21.45 -13.38 6.46
C ASP A 97 -19.98 -13.78 6.51
N LYS A 98 -19.22 -13.21 7.45
CA LYS A 98 -17.86 -13.66 7.73
C LYS A 98 -17.76 -14.31 9.10
N LYS A 99 -18.86 -14.93 9.57
CA LYS A 99 -18.93 -15.61 10.86
C LYS A 99 -18.65 -14.66 12.04
N GLN A 100 -18.87 -13.36 11.82
CA GLN A 100 -18.63 -12.36 12.83
C GLN A 100 -19.43 -12.64 14.10
N TYR A 101 -18.90 -12.13 15.20
CA TYR A 101 -19.60 -12.03 16.47
C TYR A 101 -19.17 -10.75 17.13
N HIS A 102 -20.07 -10.18 17.93
CA HIS A 102 -19.75 -9.00 18.71
C HIS A 102 -19.36 -9.44 20.11
N CYS A 103 -18.20 -9.00 20.56
CA CYS A 103 -17.66 -9.36 21.88
C CYS A 103 -17.77 -8.13 22.79
N GLU A 104 -18.48 -8.30 23.92
CA GLU A 104 -18.71 -7.15 24.79
C GLU A 104 -17.44 -6.63 25.43
N ASN A 105 -16.46 -7.52 25.70
CA ASN A 105 -15.23 -7.10 26.37
C ASN A 105 -14.29 -6.37 25.42
N CYS A 106 -14.16 -6.90 24.19
CA CYS A 106 -13.49 -6.14 23.15
C CYS A 106 -14.22 -4.82 22.91
N GLY A 107 -15.55 -4.85 22.98
CA GLY A 107 -16.35 -3.69 22.66
C GLY A 107 -16.64 -3.53 21.19
N ILE A 108 -16.21 -4.48 20.34
CA ILE A 108 -16.37 -4.37 18.90
C ILE A 108 -16.76 -5.74 18.36
N CYS A 109 -16.99 -5.79 17.06
CA CYS A 109 -17.21 -7.06 16.38
C CYS A 109 -15.88 -7.70 15.99
N ARG A 110 -15.78 -9.01 16.20
CA ARG A 110 -14.63 -9.79 15.81
C ARG A 110 -14.96 -10.67 14.60
N ILE A 111 -13.92 -11.06 13.86
CA ILE A 111 -14.09 -12.10 12.85
C ILE A 111 -14.03 -13.45 13.56
N GLY A 112 -15.12 -14.21 13.47
CA GLY A 112 -15.24 -15.46 14.17
C GLY A 112 -14.68 -16.62 13.38
N PRO A 113 -15.18 -17.83 13.64
CA PRO A 113 -16.33 -18.11 14.49
C PRO A 113 -16.04 -18.04 15.99
N LYS A 114 -17.07 -17.67 16.77
CA LYS A 114 -16.90 -17.31 18.17
C LYS A 114 -16.29 -18.44 19.00
N GLU A 115 -16.49 -19.70 18.59
CA GLU A 115 -16.03 -20.84 19.36
C GLU A 115 -14.52 -21.06 19.25
N ASP A 116 -13.89 -20.50 18.22
CA ASP A 116 -12.45 -20.57 18.08
C ASP A 116 -11.73 -19.61 19.00
N PHE A 117 -12.44 -18.76 19.72
CA PHE A 117 -11.80 -17.70 20.46
C PHE A 117 -12.33 -17.63 21.89
N PHE A 118 -11.49 -17.09 22.76
CA PHE A 118 -11.88 -16.69 24.10
C PHE A 118 -11.33 -15.29 24.34
N HIS A 119 -12.04 -14.51 25.14
CA HIS A 119 -11.54 -13.19 25.49
C HIS A 119 -10.64 -13.30 26.72
N CYS A 120 -9.40 -12.85 26.59
CA CYS A 120 -8.52 -12.78 27.74
C CYS A 120 -8.75 -11.46 28.45
N LEU A 121 -9.21 -11.52 29.71
CA LEU A 121 -9.46 -10.30 30.46
C LEU A 121 -8.21 -9.42 30.54
N LYS A 122 -7.08 -10.02 30.90
CA LYS A 122 -5.88 -9.23 31.14
C LYS A 122 -5.38 -8.56 29.87
N CYS A 123 -5.04 -9.35 28.85
CA CYS A 123 -4.56 -8.72 27.62
C CYS A 123 -5.64 -7.89 26.97
N ASN A 124 -6.91 -8.25 27.23
CA ASN A 124 -8.10 -7.51 26.85
C ASN A 124 -8.38 -7.58 25.35
N LEU A 125 -8.16 -8.75 24.75
CA LEU A 125 -8.65 -9.02 23.41
C LEU A 125 -9.05 -10.49 23.32
N CYS A 126 -9.68 -10.85 22.19
CA CYS A 126 -10.07 -12.23 21.94
C CYS A 126 -8.89 -13.02 21.34
N LEU A 127 -8.65 -14.21 21.90
CA LEU A 127 -7.52 -15.03 21.51
C LEU A 127 -7.99 -16.42 21.11
N ALA A 128 -7.23 -17.07 20.22
CA ALA A 128 -7.53 -18.43 19.84
C ALA A 128 -7.55 -19.35 21.06
N MET A 129 -8.50 -20.29 21.05
CA MET A 129 -8.76 -21.16 22.20
C MET A 129 -7.52 -21.84 22.72
N ASN A 130 -6.59 -22.21 21.84
CA ASN A 130 -5.42 -22.97 22.30
C ASN A 130 -4.49 -22.14 23.18
N LEU A 131 -4.64 -20.82 23.21
CA LEU A 131 -3.85 -19.98 24.10
C LEU A 131 -4.48 -19.78 25.48
N GLN A 132 -5.63 -20.39 25.75
CA GLN A 132 -6.28 -20.16 27.04
C GLN A 132 -5.47 -20.82 28.14
N GLY A 133 -5.11 -20.03 29.16
CA GLY A 133 -4.19 -20.50 30.19
C GLY A 133 -2.85 -20.95 29.66
N ARG A 134 -2.46 -20.53 28.46
CA ARG A 134 -1.28 -21.04 27.80
C ARG A 134 -0.56 -19.92 27.04
N HIS A 135 -0.52 -18.72 27.62
CA HIS A 135 0.18 -17.59 27.04
C HIS A 135 0.55 -16.61 28.16
N LYS A 136 1.51 -15.73 27.87
CA LYS A 136 1.95 -14.75 28.85
C LYS A 136 1.14 -13.46 28.69
N CYS A 137 0.45 -13.03 29.74
CA CYS A 137 -0.40 -11.86 29.65
C CYS A 137 0.39 -10.60 29.95
N ILE A 138 0.17 -9.55 29.16
CA ILE A 138 0.65 -8.21 29.44
C ILE A 138 -0.56 -7.30 29.55
N GLU A 139 -0.61 -6.50 30.63
CA GLU A 139 -1.80 -5.72 30.98
C GLU A 139 -2.23 -4.80 29.85
N ASN A 140 -3.43 -5.06 29.30
CA ASN A 140 -4.03 -4.24 28.25
C ASN A 140 -3.09 -4.05 27.07
N VAL A 141 -2.27 -5.07 26.78
CA VAL A 141 -1.33 -4.97 25.67
C VAL A 141 -2.09 -4.79 24.35
N SER A 142 -3.31 -5.34 24.26
CA SER A 142 -4.04 -5.20 23.01
C SER A 142 -4.44 -3.75 22.75
N ARG A 143 -4.61 -2.95 23.82
CA ARG A 143 -5.03 -1.56 23.66
C ARG A 143 -3.86 -0.65 23.39
N GLN A 144 -2.89 -1.13 22.62
CA GLN A 144 -1.69 -0.37 22.35
C GLN A 144 -1.43 -0.36 20.86
N ASN A 145 -0.49 0.49 20.45
CA ASN A 145 -0.06 0.49 19.08
C ASN A 145 0.92 -0.65 18.84
N CYS A 146 0.87 -1.21 17.66
CA CYS A 146 1.88 -2.13 17.22
C CYS A 146 3.25 -1.47 17.28
N PRO A 147 4.25 -2.03 17.92
CA PRO A 147 5.56 -1.38 18.00
C PRO A 147 6.23 -1.19 16.64
N ILE A 148 5.81 -1.92 15.61
CA ILE A 148 6.41 -1.77 14.28
C ILE A 148 5.80 -0.55 13.61
N CYS A 149 4.50 -0.60 13.32
CA CYS A 149 3.85 0.47 12.58
C CYS A 149 3.29 1.56 13.47
N LEU A 150 3.20 1.33 14.78
CA LEU A 150 2.67 2.30 15.73
C LEU A 150 1.25 2.74 15.37
N GLU A 151 0.46 1.79 14.85
CA GLU A 151 -0.98 1.92 14.73
C GLU A 151 -1.66 0.87 15.59
N ASP A 152 -2.90 1.16 15.96
CA ASP A 152 -3.61 0.35 16.95
C ASP A 152 -3.70 -1.14 16.55
N ILE A 153 -3.59 -1.99 17.56
CA ILE A 153 -3.75 -3.43 17.42
C ILE A 153 -5.20 -3.83 17.60
N HIS A 154 -5.83 -3.29 18.65
CA HIS A 154 -7.11 -3.81 19.15
C HIS A 154 -8.22 -3.73 18.11
N THR A 155 -8.34 -2.59 17.43
CA THR A 155 -9.41 -2.39 16.47
C THR A 155 -8.97 -2.68 15.05
N SER A 156 -7.79 -3.23 14.83
CA SER A 156 -7.29 -3.44 13.48
C SER A 156 -7.95 -4.65 12.85
N ARG A 157 -8.24 -4.54 11.55
CA ARG A 157 -8.80 -5.68 10.82
C ARG A 157 -7.73 -6.69 10.39
N VAL A 158 -6.46 -6.44 10.72
CA VAL A 158 -5.41 -7.43 10.53
C VAL A 158 -5.31 -8.26 11.81
N VAL A 159 -5.28 -9.58 11.66
CA VAL A 159 -5.05 -10.51 12.76
C VAL A 159 -3.81 -10.09 13.54
N ALA A 160 -3.94 -9.93 14.85
CA ALA A 160 -2.74 -9.77 15.68
C ALA A 160 -2.05 -11.11 15.88
N HIS A 161 -0.74 -11.05 16.14
CA HIS A 161 0.08 -12.21 16.49
C HIS A 161 0.62 -12.03 17.90
N VAL A 162 0.36 -13.00 18.76
CA VAL A 162 0.92 -13.00 20.10
C VAL A 162 2.33 -13.57 20.01
N LEU A 163 3.33 -12.80 20.38
CA LEU A 163 4.66 -13.35 20.44
C LEU A 163 4.80 -14.18 21.71
N PRO A 164 5.74 -15.11 21.73
CA PRO A 164 5.95 -15.92 22.94
C PRO A 164 6.19 -15.09 24.20
N CYS A 165 6.69 -13.87 24.05
CA CYS A 165 6.88 -12.97 25.18
C CYS A 165 5.59 -12.25 25.62
N GLY A 166 4.52 -12.36 24.84
CA GLY A 166 3.25 -11.74 25.16
C GLY A 166 3.03 -10.41 24.47
N HIS A 167 4.02 -9.92 23.73
CA HIS A 167 3.82 -8.69 22.99
C HIS A 167 3.10 -9.00 21.69
N LEU A 168 2.35 -8.01 21.18
CA LEU A 168 1.45 -8.20 20.04
C LEU A 168 1.92 -7.40 18.84
N LEU A 169 1.90 -8.02 17.66
CA LEU A 169 2.23 -7.38 16.40
C LEU A 169 1.12 -7.70 15.40
N HIS A 170 0.88 -6.78 14.47
CA HIS A 170 0.07 -7.12 13.31
C HIS A 170 0.72 -8.27 12.54
N ARG A 171 -0.09 -9.21 12.07
CA ARG A 171 0.47 -10.33 11.30
C ARG A 171 1.33 -9.83 10.16
N THR A 172 0.87 -8.80 9.45
CA THR A 172 1.62 -8.23 8.34
C THR A 172 2.95 -7.65 8.81
N CYS A 173 2.94 -6.88 9.91
CA CYS A 173 4.18 -6.31 10.40
C CYS A 173 5.10 -7.38 10.94
N TYR A 174 4.51 -8.43 11.52
CA TYR A 174 5.31 -9.52 12.06
C TYR A 174 6.05 -10.24 10.95
N GLU A 175 5.37 -10.52 9.83
CA GLU A 175 5.96 -11.28 8.74
C GLU A 175 7.01 -10.47 8.00
N GLU A 176 6.82 -9.15 7.91
CA GLU A 176 7.86 -8.30 7.34
C GLU A 176 9.10 -8.28 8.23
N MET A 177 8.89 -8.22 9.54
CA MET A 177 10.00 -8.24 10.48
C MET A 177 10.85 -9.49 10.33
N LEU A 178 10.24 -10.62 9.97
CA LEU A 178 10.99 -11.86 9.84
C LEU A 178 11.99 -11.82 8.68
N LYS A 179 11.79 -10.94 7.70
CA LYS A 179 12.77 -10.81 6.62
C LYS A 179 14.07 -10.17 7.09
N GLU A 180 14.07 -9.50 8.24
CA GLU A 180 15.24 -8.81 8.74
C GLU A 180 15.68 -9.27 10.11
N GLY A 181 14.94 -10.16 10.75
CA GLY A 181 15.22 -10.52 12.11
C GLY A 181 14.15 -11.43 12.67
N TYR A 182 14.27 -11.71 13.96
CA TYR A 182 13.44 -12.75 14.58
C TYR A 182 13.21 -12.51 16.06
N ARG A 183 13.38 -11.28 16.54
CA ARG A 183 13.26 -10.96 17.95
C ARG A 183 12.14 -9.96 18.14
N CYS A 184 11.56 -9.97 19.33
CA CYS A 184 10.49 -9.02 19.63
C CYS A 184 11.03 -7.61 19.53
N PRO A 185 10.36 -6.71 18.81
CA PRO A 185 10.88 -5.33 18.63
C PRO A 185 10.94 -4.55 19.92
N LEU A 186 10.19 -4.93 20.94
CA LEU A 186 10.22 -4.22 22.21
C LEU A 186 11.20 -4.88 23.17
N CYS A 187 10.96 -6.14 23.53
CA CYS A 187 11.71 -6.74 24.61
C CYS A 187 12.86 -7.60 24.12
N MET A 188 13.06 -7.71 22.80
CA MET A 188 14.20 -8.34 22.16
C MET A 188 14.25 -9.85 22.38
N HIS A 189 13.34 -10.42 23.15
CA HIS A 189 13.25 -11.89 23.22
C HIS A 189 12.99 -12.46 21.84
N SER A 190 13.51 -13.65 21.60
CA SER A 190 13.30 -14.30 20.32
C SER A 190 11.85 -14.70 20.16
N ALA A 191 11.39 -14.72 18.90
CA ALA A 191 10.03 -15.10 18.58
C ALA A 191 9.82 -16.61 18.58
N LEU A 192 10.89 -17.40 18.75
CA LEU A 192 10.80 -18.84 18.93
C LEU A 192 10.14 -19.15 20.27
N GLY A 193 9.40 -20.27 20.32
CA GLY A 193 8.96 -20.75 21.61
C GLY A 193 7.46 -20.84 21.83
N SER A 194 7.08 -21.05 23.09
CA SER A 194 5.71 -21.39 23.44
C SER A 194 4.91 -20.11 23.71
N GLY A 195 3.60 -20.26 23.64
CA GLY A 195 2.69 -19.18 23.90
C GLY A 195 2.41 -18.27 22.72
N SER A 196 2.97 -18.54 21.55
CA SER A 196 2.66 -17.69 20.40
C SER A 196 1.47 -18.22 19.62
N GLY A 197 0.70 -17.31 19.06
CA GLY A 197 -0.50 -17.70 18.35
C GLY A 197 -1.24 -16.50 17.78
N ALA A 198 -2.49 -16.73 17.42
CA ALA A 198 -3.29 -15.73 16.72
C ALA A 198 -4.41 -15.18 17.60
N ALA A 199 -4.72 -13.91 17.40
CA ALA A 199 -5.91 -13.31 17.96
C ALA A 199 -6.98 -13.19 16.88
N ALA A 200 -8.20 -12.87 17.32
CA ALA A 200 -9.32 -12.63 16.41
C ALA A 200 -9.23 -11.25 15.79
N ALA A 201 -9.49 -11.19 14.48
CA ALA A 201 -9.45 -9.91 13.77
C ALA A 201 -10.70 -9.09 14.07
N ALA A 202 -10.55 -7.77 13.95
CA ALA A 202 -11.73 -6.91 13.98
C ALA A 202 -12.50 -7.05 12.67
N ALA A 203 -13.82 -7.07 12.78
CA ALA A 203 -14.66 -7.21 11.60
C ALA A 203 -14.79 -5.89 10.84
N ARG B 16 0.00 -0.88 -30.95
CA ARG B 16 1.15 -0.21 -30.34
C ARG B 16 2.00 0.47 -31.41
N GLY B 17 2.74 1.48 -30.97
CA GLY B 17 3.58 2.22 -31.89
C GLY B 17 2.89 3.30 -32.70
N GLN B 18 1.64 3.63 -32.38
CA GLN B 18 0.95 4.70 -33.10
C GLN B 18 0.90 6.01 -32.34
N ARG B 19 0.77 5.98 -31.02
CA ARG B 19 0.56 7.18 -30.22
C ARG B 19 1.53 7.20 -29.03
N GLY B 20 2.05 8.39 -28.74
CA GLY B 20 2.90 8.57 -27.58
C GLY B 20 4.11 9.41 -27.95
N CYS B 21 5.27 9.08 -27.37
CA CYS B 21 6.52 9.77 -27.66
C CYS B 21 7.60 8.72 -27.77
N GLU B 22 8.85 9.18 -27.75
CA GLU B 22 10.00 8.29 -27.74
C GLU B 22 10.13 7.53 -26.43
N HIS B 23 9.47 7.99 -25.36
CA HIS B 23 9.52 7.28 -24.10
C HIS B 23 8.33 6.36 -23.88
N TYR B 24 7.15 6.74 -24.36
CA TYR B 24 5.96 6.03 -23.96
C TYR B 24 5.05 5.78 -25.15
N ASP B 25 4.38 4.64 -25.10
CA ASP B 25 3.24 4.32 -25.94
C ASP B 25 2.00 4.68 -25.10
N ARG B 26 1.38 5.82 -25.41
CA ARG B 26 0.27 6.31 -24.61
C ARG B 26 -0.61 7.22 -25.45
N GLY B 27 -1.89 7.22 -25.14
CA GLY B 27 -2.83 7.98 -25.94
C GLY B 27 -3.24 9.33 -25.37
N CYS B 28 -2.49 9.85 -24.42
CA CYS B 28 -2.85 11.13 -23.85
C CYS B 28 -1.61 11.95 -23.53
N LEU B 29 -1.82 13.24 -23.39
CA LEU B 29 -0.78 14.19 -22.98
C LEU B 29 -1.11 14.71 -21.59
N LEU B 30 -0.09 14.80 -20.75
CA LEU B 30 -0.23 15.38 -19.43
C LEU B 30 -0.22 16.90 -19.54
N LYS B 31 -1.14 17.53 -18.83
CA LYS B 31 -1.07 18.96 -18.60
C LYS B 31 -0.12 19.22 -17.42
N ALA B 32 0.99 19.89 -17.70
CA ALA B 32 1.94 20.23 -16.65
C ALA B 32 1.34 21.29 -15.74
N PRO B 33 1.15 21.03 -14.45
CA PRO B 33 0.63 22.07 -13.54
C PRO B 33 1.63 23.19 -13.28
N CYS B 34 2.90 23.01 -13.64
CA CYS B 34 3.92 24.03 -13.39
C CYS B 34 3.98 25.11 -14.46
N CYS B 35 3.60 24.80 -15.69
CA CYS B 35 3.63 25.79 -16.75
C CYS B 35 2.40 25.71 -17.66
N ASP B 36 1.38 24.95 -17.28
CA ASP B 36 0.13 24.79 -18.05
C ASP B 36 0.37 24.31 -19.48
N LYS B 37 1.51 23.66 -19.74
CA LYS B 37 1.82 23.18 -21.08
C LYS B 37 1.45 21.71 -21.22
N LEU B 38 1.17 21.31 -22.44
CA LEU B 38 0.78 19.94 -22.74
C LEU B 38 1.99 19.23 -23.32
N TYR B 39 2.37 18.12 -22.69
CA TYR B 39 3.56 17.36 -23.03
C TYR B 39 3.17 15.90 -22.93
N THR B 40 3.66 15.08 -23.87
CA THR B 40 3.30 13.67 -23.87
C THR B 40 3.62 13.04 -22.52
N CYS B 41 4.80 13.31 -21.98
CA CYS B 41 5.20 12.70 -20.73
C CYS B 41 6.17 13.62 -20.00
N ARG B 42 6.48 13.24 -18.75
CA ARG B 42 7.33 14.07 -17.90
C ARG B 42 8.73 14.24 -18.49
N LEU B 43 9.26 13.21 -19.15
CA LEU B 43 10.59 13.32 -19.75
C LEU B 43 10.58 14.30 -20.91
N CYS B 44 9.60 14.19 -21.81
CA CYS B 44 9.46 15.16 -22.87
C CYS B 44 9.37 16.57 -22.31
N HIS B 45 8.64 16.74 -21.21
CA HIS B 45 8.54 18.06 -20.59
C HIS B 45 9.88 18.50 -20.01
N ASP B 46 10.52 17.62 -19.23
CA ASP B 46 11.73 18.01 -18.53
C ASP B 46 12.87 18.25 -19.52
N ASN B 47 12.89 17.52 -20.64
CA ASN B 47 13.88 17.77 -21.67
C ASN B 47 13.71 19.14 -22.32
N ASN B 48 12.54 19.77 -22.20
CA ASN B 48 12.27 21.03 -22.90
C ASN B 48 11.89 22.16 -21.96
N GLU B 49 12.13 22.03 -20.66
CA GLU B 49 11.76 23.07 -19.72
C GLU B 49 12.90 23.27 -18.73
N ASP B 50 12.97 24.49 -18.19
CA ASP B 50 14.00 24.87 -17.23
C ASP B 50 13.68 24.41 -15.81
N HIS B 51 12.67 23.57 -15.64
CA HIS B 51 12.28 23.10 -14.32
C HIS B 51 11.70 21.69 -14.47
N GLN B 52 11.57 21.01 -13.34
CA GLN B 52 11.08 19.64 -13.33
C GLN B 52 9.56 19.64 -13.17
N LEU B 53 8.90 18.73 -13.88
CA LEU B 53 7.46 18.53 -13.75
C LEU B 53 7.19 17.59 -12.58
N ASP B 54 6.28 17.96 -11.69
CA ASP B 54 5.94 17.12 -10.55
C ASP B 54 4.86 16.15 -11.00
N ARG B 55 5.27 14.91 -11.35
CA ARG B 55 4.33 13.95 -11.93
C ARG B 55 3.19 13.63 -10.99
N PHE B 56 3.43 13.75 -9.67
CA PHE B 56 2.40 13.43 -8.69
C PHE B 56 1.36 14.53 -8.55
N LYS B 57 1.58 15.71 -9.11
CA LYS B 57 0.59 16.77 -9.00
C LYS B 57 -0.18 16.99 -10.30
N VAL B 58 0.10 16.21 -11.35
CA VAL B 58 -0.71 16.28 -12.55
C VAL B 58 -2.14 15.93 -12.19
N LYS B 59 -3.06 16.78 -12.64
CA LYS B 59 -4.48 16.53 -12.48
C LYS B 59 -5.16 16.26 -13.80
N GLU B 60 -4.67 16.86 -14.88
CA GLU B 60 -5.36 16.86 -16.15
C GLU B 60 -4.52 16.23 -17.24
N VAL B 61 -5.26 15.73 -18.23
CA VAL B 61 -4.77 14.94 -19.33
C VAL B 61 -5.58 15.34 -20.56
N GLN B 62 -4.96 15.28 -21.74
CA GLN B 62 -5.66 15.53 -23.00
C GLN B 62 -5.60 14.30 -23.92
N CYS B 63 -6.76 13.87 -24.40
CA CYS B 63 -6.85 12.80 -25.37
C CYS B 63 -6.18 13.22 -26.68
N ILE B 64 -5.21 12.42 -27.12
CA ILE B 64 -4.54 12.68 -28.40
C ILE B 64 -5.52 12.53 -29.57
N ASN B 65 -6.42 11.55 -29.48
CA ASN B 65 -7.33 11.28 -30.60
C ASN B 65 -8.41 12.37 -30.73
N CYS B 66 -9.09 12.72 -29.65
CA CYS B 66 -10.21 13.66 -29.76
C CYS B 66 -9.93 15.01 -29.12
N GLU B 67 -8.73 15.22 -28.58
CA GLU B 67 -8.28 16.49 -28.04
C GLU B 67 -9.07 16.93 -26.81
N LYS B 68 -9.85 16.05 -26.19
CA LYS B 68 -10.58 16.43 -25.00
C LYS B 68 -9.65 16.48 -23.80
N ILE B 69 -9.71 17.58 -23.06
CA ILE B 69 -8.97 17.73 -21.82
C ILE B 69 -9.88 17.32 -20.68
N GLN B 70 -9.33 16.57 -19.72
CA GLN B 70 -10.14 15.82 -18.76
C GLN B 70 -9.28 15.50 -17.55
N HIS B 71 -9.93 15.00 -16.50
CA HIS B 71 -9.20 14.47 -15.35
C HIS B 71 -8.44 13.21 -15.74
N ALA B 72 -7.43 12.87 -14.94
CA ALA B 72 -6.57 11.73 -15.21
C ALA B 72 -7.34 10.41 -15.09
N GLN B 73 -7.33 9.61 -16.15
CA GLN B 73 -8.01 8.32 -16.14
C GLN B 73 -7.42 7.47 -17.27
N GLN B 74 -7.73 6.18 -17.24
CA GLN B 74 -7.13 5.26 -18.22
C GLN B 74 -7.76 5.39 -19.61
N THR B 75 -9.05 5.70 -19.72
CA THR B 75 -9.66 5.91 -21.03
C THR B 75 -10.25 7.31 -21.12
N CYS B 76 -10.61 7.72 -22.33
CA CYS B 76 -11.14 9.06 -22.58
C CYS B 76 -12.64 9.16 -22.23
N GLU B 77 -13.01 10.27 -21.57
CA GLU B 77 -14.40 10.49 -21.21
C GLU B 77 -15.28 10.59 -22.44
N GLU B 78 -14.80 11.26 -23.49
CA GLU B 78 -15.60 11.48 -24.69
C GLU B 78 -15.57 10.26 -25.60
N CYS B 79 -14.41 9.92 -26.16
CA CYS B 79 -14.35 8.91 -27.21
C CYS B 79 -13.86 7.55 -26.73
N SER B 80 -13.63 7.38 -25.43
CA SER B 80 -13.30 6.09 -24.84
C SER B 80 -12.00 5.47 -25.39
N THR B 81 -11.11 6.22 -26.04
CA THR B 81 -9.86 5.61 -26.46
C THR B 81 -9.00 5.24 -25.26
N LEU B 82 -8.17 4.23 -25.45
CA LEU B 82 -7.34 3.72 -24.37
C LEU B 82 -6.09 4.59 -24.26
N PHE B 83 -5.89 5.23 -23.10
CA PHE B 83 -4.69 6.03 -22.88
C PHE B 83 -3.46 5.20 -22.54
N GLY B 84 -3.65 4.07 -21.84
CA GLY B 84 -2.57 3.14 -21.54
C GLY B 84 -3.04 1.74 -21.18
N GLU B 85 -2.29 0.72 -21.60
CA GLU B 85 -2.56 -0.63 -21.11
C GLU B 85 -2.26 -0.72 -19.62
N TYR B 86 -1.25 0.02 -19.19
CA TYR B 86 -0.91 0.15 -17.79
C TYR B 86 -1.09 1.61 -17.42
N TYR B 87 -1.74 1.84 -16.29
CA TYR B 87 -1.98 3.19 -15.84
C TYR B 87 -1.97 3.18 -14.33
N CYS B 88 -1.11 4.02 -13.75
CA CYS B 88 -0.99 4.22 -12.31
C CYS B 88 -1.39 5.66 -12.04
N ASP B 89 -2.36 5.83 -11.16
CA ASP B 89 -2.91 7.16 -10.90
C ASP B 89 -2.18 7.89 -9.78
N ILE B 90 -1.11 7.32 -9.26
CA ILE B 90 -0.26 8.02 -8.31
C ILE B 90 0.80 8.79 -9.09
N CYS B 91 1.62 8.07 -9.86
CA CYS B 91 2.62 8.74 -10.69
C CYS B 91 2.02 9.37 -11.95
N HIS B 92 0.81 8.96 -12.33
CA HIS B 92 0.15 9.40 -13.57
C HIS B 92 0.96 9.00 -14.80
N LEU B 93 1.38 7.74 -14.82
CA LEU B 93 2.12 7.18 -15.94
C LEU B 93 1.17 6.34 -16.80
N PHE B 94 1.33 6.47 -18.12
CA PHE B 94 0.52 5.74 -19.11
C PHE B 94 1.46 5.01 -20.05
N ASP B 95 1.25 3.71 -20.27
CA ASP B 95 2.19 2.97 -21.11
C ASP B 95 1.59 1.65 -21.58
N LYS B 96 2.20 1.09 -22.63
CA LYS B 96 1.94 -0.30 -22.95
C LYS B 96 2.47 -1.22 -21.84
N ASP B 97 1.93 -2.42 -21.79
CA ASP B 97 2.18 -3.38 -20.73
C ASP B 97 3.64 -3.78 -20.67
N LYS B 98 4.36 -3.31 -19.64
CA LYS B 98 5.74 -3.76 -19.38
C LYS B 98 5.88 -4.41 -18.01
N LYS B 99 4.81 -5.06 -17.53
CA LYS B 99 4.81 -5.69 -16.21
C LYS B 99 5.06 -4.68 -15.09
N GLN B 100 4.71 -3.40 -15.32
CA GLN B 100 4.93 -2.35 -14.36
C GLN B 100 4.24 -2.64 -13.05
N TYR B 101 4.75 -2.03 -11.99
CA TYR B 101 4.10 -2.08 -10.69
C TYR B 101 4.51 -0.84 -9.95
N HIS B 102 3.63 -0.35 -9.10
CA HIS B 102 3.93 0.80 -8.27
C HIS B 102 4.46 0.32 -6.93
N CYS B 103 5.65 0.76 -6.58
CA CYS B 103 6.26 0.49 -5.28
C CYS B 103 6.11 1.71 -4.38
N GLU B 104 5.39 1.54 -3.27
CA GLU B 104 5.14 2.70 -2.41
C GLU B 104 6.36 3.10 -1.58
N ASN B 105 7.33 2.21 -1.40
CA ASN B 105 8.57 2.60 -0.72
C ASN B 105 9.51 3.29 -1.70
N CYS B 106 9.49 2.84 -2.95
CA CYS B 106 10.15 3.61 -4.00
C CYS B 106 9.43 4.93 -4.22
N GLY B 107 8.11 4.93 -4.12
CA GLY B 107 7.33 6.11 -4.40
C GLY B 107 7.02 6.31 -5.86
N ILE B 108 7.52 5.46 -6.75
CA ILE B 108 7.29 5.57 -8.18
C ILE B 108 6.94 4.19 -8.73
N CYS B 109 6.58 4.17 -10.01
CA CYS B 109 6.37 2.91 -10.72
C CYS B 109 7.69 2.28 -11.16
N ARG B 110 7.77 0.96 -11.00
CA ARG B 110 8.94 0.19 -11.43
C ARG B 110 8.58 -0.69 -12.63
N ILE B 111 9.61 -1.01 -13.41
CA ILE B 111 9.48 -2.08 -14.40
C ILE B 111 9.65 -3.42 -13.69
N GLY B 112 8.62 -4.27 -13.78
CA GLY B 112 8.59 -5.54 -13.09
C GLY B 112 9.10 -6.71 -13.92
N PRO B 113 8.52 -7.91 -13.71
CA PRO B 113 7.39 -8.24 -12.82
C PRO B 113 7.70 -8.05 -11.35
N LYS B 114 6.74 -7.56 -10.55
CA LYS B 114 6.99 -7.31 -9.13
C LYS B 114 7.58 -8.53 -8.42
N GLU B 115 7.31 -9.75 -8.91
CA GLU B 115 7.82 -10.95 -8.27
C GLU B 115 9.33 -11.11 -8.43
N ASP B 116 9.93 -10.48 -9.42
CA ASP B 116 11.38 -10.55 -9.59
C ASP B 116 12.13 -9.66 -8.61
N PHE B 117 11.42 -8.88 -7.80
CA PHE B 117 12.08 -7.82 -7.04
C PHE B 117 11.58 -7.77 -5.60
N PHE B 118 12.37 -7.11 -4.77
CA PHE B 118 12.03 -6.80 -3.40
C PHE B 118 12.59 -5.44 -3.09
N HIS B 119 11.88 -4.69 -2.25
CA HIS B 119 12.36 -3.37 -1.86
C HIS B 119 13.17 -3.52 -0.59
N CYS B 120 14.44 -3.09 -0.65
CA CYS B 120 15.30 -3.04 0.52
C CYS B 120 15.07 -1.72 1.24
N LEU B 121 14.71 -1.78 2.51
CA LEU B 121 14.39 -0.55 3.23
C LEU B 121 15.62 0.35 3.42
N LYS B 122 16.77 -0.25 3.72
CA LYS B 122 17.97 0.54 4.00
C LYS B 122 18.45 1.26 2.75
N CYS B 123 18.69 0.51 1.68
CA CYS B 123 19.13 1.13 0.43
C CYS B 123 18.01 1.97 -0.17
N ASN B 124 16.76 1.61 0.13
CA ASN B 124 15.57 2.39 -0.31
C ASN B 124 15.24 2.23 -1.80
N LEU B 125 15.43 1.03 -2.37
CA LEU B 125 14.98 0.80 -3.74
C LEU B 125 14.70 -0.69 -3.90
N CYS B 126 13.98 -1.02 -4.98
CA CYS B 126 13.71 -2.40 -5.35
C CYS B 126 14.92 -3.04 -6.01
N LEU B 127 15.26 -4.25 -5.57
CA LEU B 127 16.38 -5.01 -6.11
C LEU B 127 15.94 -6.39 -6.55
N ALA B 128 16.76 -7.02 -7.39
CA ALA B 128 16.49 -8.38 -7.81
C ALA B 128 16.45 -9.31 -6.61
N MET B 129 15.59 -10.34 -6.72
CA MET B 129 15.36 -11.25 -5.60
C MET B 129 16.64 -11.89 -5.11
N ASN B 130 17.56 -12.22 -6.03
CA ASN B 130 18.75 -12.94 -5.61
C ASN B 130 19.65 -12.10 -4.71
N LEU B 131 19.46 -10.79 -4.66
CA LEU B 131 20.24 -9.92 -3.79
C LEU B 131 19.64 -9.76 -2.40
N GLN B 132 18.48 -10.37 -2.12
CA GLN B 132 17.86 -10.21 -0.81
C GLN B 132 18.76 -10.86 0.24
N GLY B 133 19.21 -10.06 1.21
CA GLY B 133 20.09 -10.54 2.25
C GLY B 133 21.48 -10.92 1.77
N ARG B 134 21.74 -10.82 0.47
CA ARG B 134 23.05 -11.12 -0.08
C ARG B 134 23.64 -9.89 -0.77
N HIS B 135 23.54 -8.72 -0.15
CA HIS B 135 24.13 -7.50 -0.69
C HIS B 135 24.51 -6.56 0.44
N LYS B 136 25.52 -5.71 0.19
CA LYS B 136 25.97 -4.75 1.19
C LYS B 136 25.12 -3.49 1.14
N CYS B 137 24.37 -3.23 2.20
CA CYS B 137 23.51 -2.06 2.27
C CYS B 137 24.29 -0.79 2.60
N ILE B 138 23.97 0.30 1.90
CA ILE B 138 24.37 1.65 2.29
C ILE B 138 23.10 2.49 2.41
N GLU B 139 23.00 3.25 3.50
CA GLU B 139 21.77 3.93 3.87
C GLU B 139 21.34 4.92 2.79
N ASN B 140 20.18 4.64 2.18
CA ASN B 140 19.57 5.49 1.16
C ASN B 140 20.54 5.76 0.01
N VAL B 141 21.39 4.78 -0.30
CA VAL B 141 22.35 4.94 -1.38
C VAL B 141 21.63 5.19 -2.70
N SER B 142 20.42 4.63 -2.86
CA SER B 142 19.66 4.83 -4.10
C SER B 142 19.24 6.28 -4.29
N ARG B 143 19.07 7.05 -3.22
CA ARG B 143 18.63 8.43 -3.36
C ARG B 143 19.79 9.37 -3.60
N GLN B 144 20.72 8.96 -4.46
CA GLN B 144 21.94 9.71 -4.72
C GLN B 144 22.22 9.69 -6.21
N ASN B 145 23.11 10.58 -6.64
CA ASN B 145 23.51 10.64 -8.03
C ASN B 145 24.56 9.58 -8.33
N CYS B 146 24.47 9.01 -9.53
CA CYS B 146 25.52 8.14 -10.05
C CYS B 146 26.86 8.85 -10.03
N PRO B 147 27.92 8.26 -9.45
CA PRO B 147 29.20 8.97 -9.38
C PRO B 147 29.84 9.30 -10.73
N ILE B 148 29.45 8.62 -11.80
CA ILE B 148 30.02 8.94 -13.12
C ILE B 148 29.32 10.16 -13.73
N CYS B 149 28.00 10.07 -13.93
CA CYS B 149 27.27 11.11 -14.64
C CYS B 149 26.58 12.10 -13.71
N LEU B 150 26.59 11.86 -12.40
CA LEU B 150 25.99 12.78 -11.42
C LEU B 150 24.52 13.09 -11.75
N GLU B 151 23.85 12.12 -12.41
CA GLU B 151 22.40 12.08 -12.52
C GLU B 151 21.83 11.07 -11.53
N ASP B 152 20.55 11.27 -11.19
CA ASP B 152 19.91 10.50 -10.14
C ASP B 152 19.87 9.02 -10.51
N ILE B 153 20.06 8.16 -9.50
CA ILE B 153 19.90 6.72 -9.65
C ILE B 153 18.45 6.32 -9.48
N HIS B 154 17.79 6.83 -8.42
CA HIS B 154 16.52 6.28 -7.98
C HIS B 154 15.45 6.33 -9.06
N THR B 155 15.33 7.45 -9.77
CA THR B 155 14.24 7.66 -10.70
C THR B 155 14.64 7.41 -12.15
N SER B 156 15.84 6.91 -12.39
CA SER B 156 16.29 6.71 -13.75
C SER B 156 15.58 5.53 -14.40
N ARG B 157 15.21 5.70 -15.68
N ARG B 157 15.23 5.67 -15.67
CA ARG B 157 14.70 4.59 -16.49
CA ARG B 157 14.68 4.54 -16.41
C ARG B 157 15.75 3.52 -16.71
C ARG B 157 15.75 3.55 -16.83
N VAL B 158 17.02 3.87 -16.62
CA VAL B 158 18.10 2.92 -16.84
C VAL B 158 18.30 2.11 -15.57
N VAL B 159 18.38 0.78 -15.74
CA VAL B 159 18.62 -0.13 -14.62
C VAL B 159 19.87 0.31 -13.88
N ALA B 160 19.79 0.35 -12.55
CA ALA B 160 20.98 0.56 -11.73
C ALA B 160 21.73 -0.74 -11.55
N HIS B 161 23.06 -0.65 -11.47
CA HIS B 161 23.92 -1.77 -11.14
C HIS B 161 24.46 -1.59 -9.72
N VAL B 162 24.23 -2.60 -8.89
CA VAL B 162 24.79 -2.65 -7.56
C VAL B 162 26.14 -3.32 -7.66
N LEU B 163 27.17 -2.65 -7.18
CA LEU B 163 28.52 -3.14 -7.11
C LEU B 163 28.70 -3.96 -5.84
N PRO B 164 29.69 -4.85 -5.80
CA PRO B 164 29.99 -5.58 -4.56
C PRO B 164 30.13 -4.70 -3.34
N CYS B 165 30.73 -3.52 -3.49
CA CYS B 165 30.86 -2.55 -2.41
C CYS B 165 29.51 -1.94 -2.00
N GLY B 166 28.45 -2.12 -2.80
CA GLY B 166 27.14 -1.56 -2.49
C GLY B 166 26.88 -0.18 -3.04
N HIS B 167 27.83 0.40 -3.76
CA HIS B 167 27.57 1.61 -4.50
C HIS B 167 26.86 1.30 -5.83
N LEU B 168 26.05 2.26 -6.29
CA LEU B 168 25.16 2.05 -7.42
C LEU B 168 25.60 2.89 -8.61
N LEU B 169 25.64 2.28 -9.78
CA LEU B 169 25.95 2.93 -11.04
C LEU B 169 24.81 2.66 -12.02
N HIS B 170 24.56 3.62 -12.92
CA HIS B 170 23.73 3.31 -14.07
C HIS B 170 24.40 2.18 -14.85
N ARG B 171 23.58 1.25 -15.36
CA ARG B 171 24.13 0.15 -16.15
C ARG B 171 24.96 0.68 -17.31
N THR B 172 24.46 1.72 -17.98
CA THR B 172 25.19 2.34 -19.08
C THR B 172 26.56 2.82 -18.62
N CYS B 173 26.59 3.68 -17.61
CA CYS B 173 27.85 4.23 -17.12
C CYS B 173 28.78 3.14 -16.65
N TYR B 174 28.24 2.10 -16.02
CA TYR B 174 29.06 1.02 -15.50
C TYR B 174 29.75 0.27 -16.63
N GLU B 175 28.99 -0.07 -17.68
CA GLU B 175 29.58 -0.78 -18.82
C GLU B 175 30.59 0.09 -19.55
N GLU B 176 30.31 1.40 -19.62
CA GLU B 176 31.25 2.33 -20.23
C GLU B 176 32.53 2.45 -19.40
N MET B 177 32.39 2.39 -18.07
CA MET B 177 33.54 2.46 -17.20
C MET B 177 34.43 1.24 -17.37
N LEU B 178 33.82 0.09 -17.64
CA LEU B 178 34.58 -1.14 -17.84
C LEU B 178 35.53 -1.04 -19.03
N LYS B 179 35.29 -0.11 -19.95
CA LYS B 179 36.20 0.07 -21.08
C LYS B 179 37.58 0.58 -20.67
N GLU B 180 37.76 1.01 -19.42
CA GLU B 180 38.91 1.79 -18.99
C GLU B 180 39.43 1.32 -17.64
N GLY B 181 38.57 0.68 -16.85
CA GLY B 181 38.91 0.27 -15.50
C GLY B 181 37.93 -0.78 -15.01
N TYR B 182 38.17 -1.23 -13.78
CA TYR B 182 37.32 -2.27 -13.20
C TYR B 182 37.06 -2.00 -11.72
N ARG B 183 37.21 -0.76 -11.27
CA ARG B 183 37.08 -0.43 -9.86
C ARG B 183 35.93 0.56 -9.66
N CYS B 184 35.34 0.51 -8.47
CA CYS B 184 34.27 1.43 -8.16
C CYS B 184 34.81 2.87 -8.17
N PRO B 185 34.22 3.75 -8.98
CA PRO B 185 34.80 5.10 -9.11
C PRO B 185 34.73 5.91 -7.84
N LEU B 186 33.95 5.48 -6.85
CA LEU B 186 33.89 6.12 -5.54
C LEU B 186 34.93 5.54 -4.59
N CYS B 187 34.82 4.25 -4.27
CA CYS B 187 35.63 3.66 -3.20
C CYS B 187 36.75 2.77 -3.70
N MET B 188 36.96 2.68 -5.02
CA MET B 188 38.11 2.03 -5.64
C MET B 188 38.14 0.51 -5.51
N HIS B 189 37.31 -0.09 -4.66
CA HIS B 189 37.24 -1.55 -4.61
C HIS B 189 36.87 -2.10 -5.98
N SER B 190 37.51 -3.22 -6.34
CA SER B 190 37.27 -3.84 -7.64
C SER B 190 35.80 -4.23 -7.78
N ALA B 191 35.30 -4.20 -9.01
CA ALA B 191 33.93 -4.63 -9.27
C ALA B 191 33.74 -6.14 -9.24
N LEU B 192 34.82 -6.90 -9.10
CA LEU B 192 34.69 -8.34 -8.86
C LEU B 192 34.05 -8.59 -7.50
N GLY B 193 33.30 -9.67 -7.40
CA GLY B 193 32.92 -10.17 -6.10
C GLY B 193 31.44 -10.43 -5.96
N SER B 194 31.03 -10.66 -4.73
CA SER B 194 29.68 -11.07 -4.39
C SER B 194 28.80 -9.87 -4.09
N GLY B 195 27.50 -10.11 -4.08
CA GLY B 195 26.54 -9.10 -3.72
C GLY B 195 26.29 -8.07 -4.79
N SER B 196 26.67 -8.36 -6.03
CA SER B 196 26.55 -7.42 -7.13
C SER B 196 25.41 -7.88 -8.05
N GLY B 197 24.67 -6.93 -8.62
CA GLY B 197 23.52 -7.31 -9.42
C GLY B 197 22.67 -6.12 -9.84
N ALA B 198 21.41 -6.42 -10.13
CA ALA B 198 20.52 -5.50 -10.83
C ALA B 198 19.44 -4.96 -9.92
N ALA B 199 19.07 -3.71 -10.15
CA ALA B 199 17.92 -3.09 -9.53
C ALA B 199 16.77 -3.03 -10.53
N ALA B 200 15.59 -2.71 -10.02
CA ALA B 200 14.42 -2.49 -10.86
C ALA B 200 14.47 -1.10 -11.47
N ALA B 201 14.27 -1.03 -12.79
CA ALA B 201 14.28 0.23 -13.50
C ALA B 201 13.01 1.03 -13.20
N ALA B 202 13.16 2.35 -13.11
CA ALA B 202 11.98 3.20 -13.05
C ALA B 202 11.18 3.06 -14.33
N ALA B 203 9.86 3.08 -14.19
CA ALA B 203 8.99 2.89 -15.34
C ALA B 203 8.89 4.20 -16.12
ZN ZN C . -17.27 12.89 10.09
ZN ZN D . -34.61 1.04 0.51
ZN ZN E . -12.97 -9.98 22.92
ZN ZN F . 8.36 -8.66 23.53
ZN ZN G . -15.42 1.60 3.21
ZN ZN H . -20.41 -5.24 17.17
ZN ZN I . 1.71 -3.17 12.93
ZN ZN J . -3.53 -12.69 28.25
S SO4 K . -23.56 -14.85 -4.40
O1 SO4 K . -23.72 -14.51 -5.81
O2 SO4 K . -24.38 -13.93 -3.63
O3 SO4 K . -24.02 -16.20 -4.10
O4 SO4 K . -22.14 -14.70 -4.02
S SO4 L . -13.33 -11.69 1.14
O1 SO4 L . -13.84 -11.36 -0.19
O2 SO4 L . -13.49 -10.53 2.03
O3 SO4 L . -11.90 -12.03 1.08
O4 SO4 L . -14.09 -12.82 1.68
NA NA M . -22.40 0.74 -4.16
NA NA N . -18.44 0.37 9.43
NA NA O . -13.46 0.10 22.21
NA NA P . -15.13 -15.48 26.16
NA NA Q . -9.32 -13.17 9.48
NA NA R . -11.99 -2.90 30.09
NA NA S . -1.00 -2.34 9.79
ZN ZN T . 8.33 11.71 -23.86
ZN ZN U . 6.37 22.85 -16.51
ZN ZN V . -10.91 11.22 -26.61
ZN ZN W . 3.29 4.58 -9.80
ZN ZN X . 10.78 -0.18 -4.23
ZN ZN Y . 32.14 1.62 -4.24
ZN ZN Z . 25.33 7.21 -14.50
ZN ZN AA . 20.34 -2.86 0.65
S SO4 BA . 39.88 -4.82 -3.47
O1 SO4 BA . 39.48 -3.97 -2.37
O2 SO4 BA . 38.73 -5.56 -3.94
O3 SO4 BA . 40.92 -5.75 -3.01
O4 SO4 BA . 40.39 -4.00 -4.56
S SO4 CA . 10.24 -2.29 -25.43
O1 SO4 CA . 9.93 -0.91 -25.80
O2 SO4 CA . 9.00 -3.03 -25.18
O3 SO4 CA . 11.07 -2.32 -24.22
O4 SO4 CA . 10.96 -2.94 -26.51
S SO4 DA . 26.64 -16.45 -0.85
O1 SO4 DA . 25.99 -15.68 -1.92
O2 SO4 DA . 25.74 -17.52 -0.44
O3 SO4 DA . 27.88 -17.03 -1.36
O4 SO4 DA . 26.93 -15.56 0.27
NA NA EA . 5.18 10.47 -17.57
NA NA FA . 0.94 -1.93 -8.77
NA NA GA . 11.99 7.22 3.10
NA NA HA . 22.57 8.63 -17.40
NA NA IA . 40.31 -2.70 -18.34
#